data_3GK6
#
_entry.id   3GK6
#
_cell.length_a   59.378
_cell.length_b   59.378
_cell.length_c   95.756
_cell.angle_alpha   90.00
_cell.angle_beta   90.00
_cell.angle_gamma   120.00
#
_symmetry.space_group_name_H-M   'P 32 2 1'
#
loop_
_entity.id
_entity.type
_entity.pdbx_description
1 polymer 'Integron cassette protein VCH_CASS2'
2 non-polymer 2-{2-[2-(2-{2-[2-(2-ETHOXY-ETHOXY)-ETHOXY]-ETHOXY}-ETHOXY)-ETHOXY]-ETHOXY}-ETHANOL
3 water water
#
_entity_poly.entity_id   1
_entity_poly.type   'polypeptide(L)'
_entity_poly.pdbx_seq_one_letter_code
;(MSE)GSSHHHHHHSSGRENLYFQG(MSE)NISEINGFEVTGFVVRTTNADE(MSE)NP(MSE)TAKIGNLWEKFYLNAA
PKLTDKSKVYGLYTNYESDFTGAFDVIACSDTLSPQLLSESVKTKVSSGKYVTFSATGE(MSE)PQVVIDLWNEVWNYFA
SEHCPHKRAYTTDFEYYKSANTVEISIAVR
;
_entity_poly.pdbx_strand_id   A
#
# COMPACT_ATOMS: atom_id res chain seq x y z
N GLU A 15 -8.25 18.75 -8.28
CA GLU A 15 -7.08 17.90 -8.12
C GLU A 15 -6.61 17.26 -9.43
N ASN A 16 -7.35 17.45 -10.51
CA ASN A 16 -6.95 16.89 -11.80
C ASN A 16 -6.69 15.38 -11.72
N LEU A 17 -7.61 14.68 -11.08
CA LEU A 17 -7.55 13.23 -11.00
C LEU A 17 -8.82 12.66 -11.56
N TYR A 18 -8.74 11.44 -12.05
CA TYR A 18 -9.94 10.71 -12.38
C TYR A 18 -10.19 9.79 -11.21
N PHE A 19 -11.21 10.11 -10.41
CA PHE A 19 -11.57 9.25 -9.28
C PHE A 19 -12.60 8.25 -9.76
N GLN A 20 -12.17 7.02 -9.90
CA GLN A 20 -13.00 5.98 -10.49
C GLN A 20 -14.10 5.53 -9.52
N GLY A 21 -13.85 5.72 -8.23
CA GLY A 21 -14.84 5.40 -7.21
C GLY A 21 -14.35 4.33 -6.25
N ASN A 23 -15.36 0.25 -4.48
CA ASN A 23 -16.14 -0.98 -4.65
C ASN A 23 -15.80 -1.93 -3.51
N ILE A 24 -16.81 -2.52 -2.91
CA ILE A 24 -16.58 -3.56 -1.92
C ILE A 24 -16.42 -4.88 -2.64
N SER A 25 -15.42 -5.66 -2.26
CA SER A 25 -15.27 -6.98 -2.84
C SER A 25 -14.43 -7.93 -2.00
N GLU A 26 -14.54 -9.21 -2.36
CA GLU A 26 -13.69 -10.25 -1.81
C GLU A 26 -12.41 -10.32 -2.63
N ILE A 27 -11.26 -10.31 -1.98
CA ILE A 27 -9.99 -10.39 -2.69
C ILE A 27 -9.20 -11.61 -2.29
N ASN A 28 -8.64 -12.29 -3.28
CA ASN A 28 -7.79 -13.44 -3.01
C ASN A 28 -6.44 -13.01 -2.47
N GLY A 29 -5.96 -13.73 -1.46
CA GLY A 29 -4.68 -13.41 -0.85
C GLY A 29 -3.51 -13.67 -1.77
N PHE A 30 -2.35 -13.12 -1.43
CA PHE A 30 -1.18 -13.23 -2.27
C PHE A 30 0.09 -12.94 -1.46
N GLU A 31 1.23 -13.40 -1.95
CA GLU A 31 2.51 -13.18 -1.26
C GLU A 31 3.34 -12.12 -1.96
N VAL A 32 4.00 -11.27 -1.17
CA VAL A 32 4.83 -10.19 -1.70
C VAL A 32 6.09 -10.02 -0.85
N THR A 33 7.17 -9.59 -1.50
CA THR A 33 8.45 -9.40 -0.83
C THR A 33 8.99 -8.02 -1.11
N GLY A 34 9.56 -7.38 -0.10
CA GLY A 34 10.16 -6.07 -0.29
C GLY A 34 10.73 -5.48 0.98
N PHE A 35 10.85 -4.16 0.99
CA PHE A 35 11.49 -3.48 2.10
C PHE A 35 10.45 -2.92 3.07
N VAL A 36 10.73 -3.04 4.36
CA VAL A 36 9.80 -2.57 5.36
C VAL A 36 10.41 -1.44 6.18
N VAL A 37 9.59 -0.47 6.53
CA VAL A 37 9.97 0.46 7.58
C VAL A 37 8.76 0.65 8.48
N ARG A 38 9.01 0.96 9.74
CA ARG A 38 7.92 1.24 10.66
C ARG A 38 7.78 2.73 10.87
N THR A 39 6.55 3.23 10.81
CA THR A 39 6.36 4.66 10.93
C THR A 39 5.00 4.98 11.55
N THR A 40 4.67 6.26 11.58
CA THR A 40 3.39 6.72 12.08
C THR A 40 2.88 7.80 11.14
N ASN A 41 1.58 8.07 11.18
CA ASN A 41 1.01 9.13 10.35
C ASN A 41 1.66 10.47 10.66
N ALA A 42 1.89 10.74 11.95
CA ALA A 42 2.54 11.98 12.35
C ALA A 42 3.96 12.12 11.80
N ASP A 43 4.72 11.03 11.78
CA ASP A 43 6.07 11.06 11.22
C ASP A 43 5.99 11.38 9.72
N GLU A 44 4.96 10.87 9.06
CA GLU A 44 4.84 11.05 7.62
C GLU A 44 4.35 12.46 7.24
N ASN A 46 5.23 15.18 8.79
CA ASN A 46 6.39 16.06 8.88
C ASN A 46 7.38 15.69 7.76
N PRO A 47 7.56 16.58 6.78
CA PRO A 47 8.40 16.31 5.61
C PRO A 47 9.81 15.89 6.01
N THR A 49 10.74 14.18 8.72
CA THR A 49 10.82 12.89 9.41
C THR A 49 10.15 11.74 8.65
N ALA A 50 9.54 12.05 7.51
CA ALA A 50 8.83 11.02 6.75
C ALA A 50 9.78 9.93 6.28
N LYS A 51 9.29 8.68 6.28
CA LYS A 51 10.10 7.52 5.91
C LYS A 51 9.66 6.85 4.61
N ILE A 52 8.43 7.09 4.18
CA ILE A 52 7.86 6.34 3.05
C ILE A 52 8.53 6.69 1.73
N GLY A 53 8.82 7.97 1.53
CA GLY A 53 9.57 8.39 0.35
C GLY A 53 10.92 7.69 0.27
N ASN A 54 11.65 7.66 1.37
CA ASN A 54 12.96 7.01 1.37
C ASN A 54 12.85 5.49 1.15
N LEU A 55 11.82 4.90 1.72
CA LEU A 55 11.54 3.48 1.50
C LEU A 55 11.41 3.19 0.00
N TRP A 56 10.64 4.00 -0.72
CA TRP A 56 10.51 3.79 -2.17
C TRP A 56 11.79 4.04 -2.96
N GLU A 57 12.59 5.02 -2.55
CA GLU A 57 13.88 5.25 -3.20
C GLU A 57 14.77 4.01 -3.06
N LYS A 58 14.77 3.39 -1.88
CA LYS A 58 15.49 2.14 -1.68
C LYS A 58 14.97 1.02 -2.59
N PHE A 59 13.65 0.95 -2.73
CA PHE A 59 13.02 -0.03 -3.62
C PHE A 59 13.44 0.22 -5.07
N TYR A 60 13.37 1.47 -5.51
CA TYR A 60 13.82 1.79 -6.86
C TYR A 60 15.27 1.37 -7.06
N LEU A 61 16.10 1.65 -6.06
CA LEU A 61 17.53 1.38 -6.13
C LEU A 61 17.85 -0.11 -6.13
N ASN A 62 17.30 -0.84 -5.16
CA ASN A 62 17.69 -2.22 -4.90
C ASN A 62 16.80 -3.28 -5.51
N ALA A 63 15.52 -2.98 -5.69
CA ALA A 63 14.52 -3.98 -6.06
C ALA A 63 14.00 -3.85 -7.49
N ALA A 64 13.79 -2.63 -7.95
CA ALA A 64 13.23 -2.44 -9.30
C ALA A 64 14.03 -3.13 -10.41
N PRO A 65 15.37 -3.07 -10.35
CA PRO A 65 16.14 -3.71 -11.44
C PRO A 65 15.89 -5.21 -11.55
N LYS A 66 15.32 -5.79 -10.50
CA LYS A 66 15.07 -7.23 -10.45
C LYS A 66 13.65 -7.63 -10.82
N LEU A 67 12.80 -6.64 -11.12
CA LEU A 67 11.41 -6.91 -11.47
C LEU A 67 11.27 -7.37 -12.92
N THR A 68 10.13 -7.99 -13.23
CA THR A 68 9.82 -8.39 -14.60
C THR A 68 8.64 -7.58 -15.09
N ASP A 69 8.24 -7.79 -16.35
CA ASP A 69 7.13 -7.04 -16.92
C ASP A 69 5.79 -7.46 -16.32
N LYS A 70 5.76 -8.63 -15.70
CA LYS A 70 4.54 -9.12 -15.08
C LYS A 70 4.55 -8.88 -13.56
N SER A 71 5.60 -8.23 -13.06
CA SER A 71 5.67 -7.94 -11.64
C SER A 71 4.56 -6.99 -11.23
N LYS A 72 3.86 -7.32 -10.15
CA LYS A 72 2.92 -6.37 -9.56
C LYS A 72 3.54 -5.73 -8.34
N VAL A 73 3.39 -4.42 -8.24
CA VAL A 73 4.03 -3.65 -7.17
C VAL A 73 3.01 -3.08 -6.20
N TYR A 74 3.32 -3.16 -4.92
CA TYR A 74 2.38 -2.82 -3.86
C TYR A 74 3.05 -2.00 -2.77
N GLY A 75 2.24 -1.22 -2.08
CA GLY A 75 2.61 -0.62 -0.81
C GLY A 75 1.73 -1.23 0.27
N LEU A 76 2.28 -2.14 1.07
CA LEU A 76 1.53 -2.72 2.17
C LEU A 76 1.54 -1.87 3.44
N TYR A 77 0.39 -1.79 4.09
CA TYR A 77 0.28 -1.21 5.41
C TYR A 77 -0.26 -2.27 6.35
N THR A 78 0.51 -2.61 7.38
CA THR A 78 0.22 -3.80 8.17
C THR A 78 0.89 -3.70 9.54
N ASN A 79 0.73 -4.76 10.34
CA ASN A 79 1.25 -4.77 11.71
C ASN A 79 0.91 -3.50 12.48
N TYR A 80 -0.37 -3.13 12.47
CA TYR A 80 -0.81 -1.90 13.09
C TYR A 80 -0.68 -1.99 14.61
N GLU A 81 0.05 -1.04 15.19
CA GLU A 81 0.15 -0.96 16.65
C GLU A 81 -1.24 -0.89 17.25
N SER A 82 -2.10 -0.09 16.64
CA SER A 82 -3.44 0.15 17.17
C SER A 82 -4.42 0.46 16.05
N ASP A 83 -4.69 1.75 15.86
CA ASP A 83 -5.53 2.21 14.76
C ASP A 83 -4.75 3.22 13.92
N PHE A 84 -5.45 4.15 13.28
CA PHE A 84 -4.78 5.12 12.41
C PHE A 84 -3.86 6.11 13.15
N THR A 85 -3.98 6.13 14.49
CA THR A 85 -3.18 7.02 15.30
C THR A 85 -1.90 6.36 15.80
N GLY A 86 -1.75 5.07 15.51
CA GLY A 86 -0.63 4.31 16.01
C GLY A 86 0.38 3.97 14.93
N ALA A 87 1.45 3.28 15.31
CA ALA A 87 2.46 2.88 14.34
C ALA A 87 1.93 1.79 13.42
N PHE A 88 2.60 1.61 12.29
CA PHE A 88 2.31 0.53 11.37
C PHE A 88 3.53 0.31 10.51
N ASP A 89 3.65 -0.88 9.93
CA ASP A 89 4.70 -1.17 8.98
C ASP A 89 4.23 -0.77 7.60
N VAL A 90 5.13 -0.17 6.83
CA VAL A 90 4.89 0.07 5.41
C VAL A 90 5.89 -0.79 4.64
N ILE A 91 5.40 -1.48 3.62
CA ILE A 91 6.24 -2.39 2.85
C ILE A 91 6.14 -2.11 1.35
N ALA A 92 7.25 -1.69 0.77
CA ALA A 92 7.36 -1.49 -0.66
C ALA A 92 7.79 -2.83 -1.25
N CYS A 93 6.92 -3.44 -2.05
CA CYS A 93 7.13 -4.85 -2.34
C CYS A 93 6.53 -5.26 -3.67
N SER A 94 6.78 -6.51 -4.05
CA SER A 94 6.27 -7.03 -5.31
C SER A 94 6.08 -8.54 -5.19
N ASP A 95 5.18 -9.06 -6.00
CA ASP A 95 4.85 -10.46 -5.90
C ASP A 95 5.97 -11.39 -6.43
N THR A 96 6.80 -10.89 -7.33
CA THR A 96 7.81 -11.73 -7.97
C THR A 96 9.16 -11.74 -7.24
N LEU A 97 9.37 -10.77 -6.35
CA LEU A 97 10.59 -10.76 -5.56
C LEU A 97 10.56 -11.91 -4.55
N SER A 98 11.74 -12.31 -4.07
CA SER A 98 11.85 -13.32 -3.02
C SER A 98 12.96 -12.90 -2.06
N PRO A 99 12.82 -13.25 -0.76
CA PRO A 99 13.73 -12.77 0.28
C PRO A 99 15.18 -13.26 0.10
N GLN A 100 15.48 -13.86 -1.03
CA GLN A 100 16.84 -14.28 -1.34
C GLN A 100 17.21 -14.05 -2.80
N LEU A 101 16.38 -13.30 -3.50
CA LEU A 101 16.79 -12.66 -4.75
C LEU A 101 17.02 -11.19 -4.41
N LEU A 102 16.83 -10.85 -3.14
CA LEU A 102 16.89 -9.47 -2.65
C LEU A 102 17.28 -9.39 -1.17
N SER A 103 18.43 -8.82 -0.87
CA SER A 103 18.92 -8.77 0.51
C SER A 103 18.18 -7.77 1.40
N GLU A 104 18.05 -8.09 2.67
CA GLU A 104 17.38 -7.23 3.63
C GLU A 104 15.84 -7.20 3.49
N SER A 105 15.30 -8.02 2.63
CA SER A 105 13.88 -7.96 2.33
C SER A 105 13.08 -8.90 3.22
N VAL A 106 11.76 -8.68 3.29
CA VAL A 106 10.89 -9.53 4.09
C VAL A 106 9.70 -9.98 3.24
N LYS A 107 9.28 -11.22 3.45
CA LYS A 107 8.15 -11.78 2.74
C LYS A 107 6.89 -11.66 3.60
N THR A 108 5.80 -11.19 2.99
CA THR A 108 4.54 -11.05 3.71
C THR A 108 3.41 -11.73 2.93
N LYS A 109 2.53 -12.41 3.64
CA LYS A 109 1.32 -12.94 3.02
C LYS A 109 0.17 -12.03 3.35
N VAL A 110 -0.49 -11.51 2.32
CA VAL A 110 -1.72 -10.75 2.46
C VAL A 110 -2.89 -11.73 2.38
N SER A 111 -3.74 -11.74 3.41
CA SER A 111 -4.81 -12.72 3.50
C SER A 111 -5.99 -12.41 2.59
N SER A 112 -6.63 -13.48 2.09
CA SER A 112 -7.91 -13.28 1.43
C SER A 112 -8.86 -12.61 2.42
N GLY A 113 -9.76 -11.79 1.92
CA GLY A 113 -10.73 -11.15 2.78
C GLY A 113 -11.61 -10.15 2.09
N LYS A 114 -12.41 -9.43 2.88
CA LYS A 114 -13.31 -8.43 2.36
C LYS A 114 -12.63 -7.07 2.43
N TYR A 115 -12.62 -6.38 1.30
CA TYR A 115 -11.97 -5.09 1.19
C TYR A 115 -12.91 -4.08 0.55
N VAL A 116 -12.68 -2.82 0.89
CA VAL A 116 -13.23 -1.70 0.12
C VAL A 116 -12.07 -1.15 -0.69
N THR A 117 -12.22 -1.13 -2.02
CA THR A 117 -11.13 -0.70 -2.89
C THR A 117 -11.47 0.61 -3.60
N PHE A 118 -10.52 1.53 -3.56
CA PHE A 118 -10.67 2.84 -4.19
C PHE A 118 -9.72 2.86 -5.36
N SER A 119 -10.09 3.55 -6.43
CA SER A 119 -9.20 3.67 -7.57
C SER A 119 -9.19 5.09 -8.15
N ALA A 120 -8.01 5.52 -8.57
CA ALA A 120 -7.91 6.82 -9.22
C ALA A 120 -6.74 6.80 -10.22
N THR A 121 -6.79 7.71 -11.19
CA THR A 121 -5.79 7.80 -12.23
C THR A 121 -5.36 9.25 -12.34
N GLY A 122 -4.05 9.50 -12.38
CA GLY A 122 -3.55 10.86 -12.50
C GLY A 122 -2.03 10.87 -12.42
N GLU A 123 -1.48 12.03 -12.13
CA GLU A 123 -0.04 12.17 -11.98
C GLU A 123 0.39 11.41 -10.73
N PRO A 125 3.37 10.77 -7.84
CA PRO A 125 2.51 10.15 -6.82
C PRO A 125 1.35 11.01 -6.35
N GLN A 126 1.10 12.17 -6.95
CA GLN A 126 -0.06 12.95 -6.53
C GLN A 126 -1.30 12.06 -6.37
N VAL A 127 -1.53 11.18 -7.33
CA VAL A 127 -2.80 10.44 -7.32
C VAL A 127 -2.93 9.52 -6.09
N VAL A 128 -1.85 8.88 -5.68
CA VAL A 128 -1.95 8.00 -4.51
C VAL A 128 -2.11 8.80 -3.21
N ILE A 129 -1.43 9.95 -3.13
CA ILE A 129 -1.58 10.80 -1.96
C ILE A 129 -3.02 11.26 -1.83
N ASP A 130 -3.59 11.72 -2.94
CA ASP A 130 -4.93 12.26 -2.91
C ASP A 130 -5.98 11.14 -2.76
N LEU A 131 -5.67 9.96 -3.27
CA LEU A 131 -6.59 8.85 -3.10
C LEU A 131 -6.72 8.49 -1.62
N TRP A 132 -5.63 8.60 -0.86
CA TRP A 132 -5.72 8.32 0.56
C TRP A 132 -6.68 9.28 1.25
N ASN A 133 -6.77 10.52 0.74
CA ASN A 133 -7.74 11.48 1.29
C ASN A 133 -9.17 11.01 1.11
N GLU A 134 -9.45 10.40 -0.05
CA GLU A 134 -10.78 9.82 -0.29
C GLU A 134 -11.05 8.69 0.70
N VAL A 135 -10.04 7.87 0.96
CA VAL A 135 -10.16 6.81 1.94
C VAL A 135 -10.52 7.39 3.32
N TRP A 136 -9.76 8.41 3.73
N TRP A 136 -9.78 8.41 3.74
CA TRP A 136 -10.01 9.11 5.00
CA TRP A 136 -10.06 9.06 5.03
C TRP A 136 -11.44 9.61 5.11
C TRP A 136 -11.49 9.59 5.11
N ASN A 137 -11.90 10.32 4.09
CA ASN A 137 -13.24 10.91 4.09
C ASN A 137 -14.30 9.82 4.20
N TYR A 138 -14.06 8.72 3.51
CA TYR A 138 -15.02 7.63 3.53
C TYR A 138 -15.19 7.02 4.91
N PHE A 139 -14.09 6.68 5.57
CA PHE A 139 -14.18 5.94 6.83
C PHE A 139 -14.48 6.85 8.01
N ALA A 140 -14.14 8.12 7.86
CA ALA A 140 -14.50 9.13 8.86
C ALA A 140 -15.88 9.68 8.56
N CYS A 144 -20.52 5.69 8.44
CA CYS A 144 -19.80 4.84 7.48
C CYS A 144 -20.26 3.40 7.62
N PRO A 145 -20.68 2.79 6.50
CA PRO A 145 -21.20 1.43 6.43
C PRO A 145 -20.19 0.38 6.87
N HIS A 146 -18.91 0.75 6.88
CA HIS A 146 -17.87 -0.22 7.16
C HIS A 146 -16.86 0.23 8.21
N LYS A 147 -16.26 -0.73 8.89
CA LYS A 147 -15.23 -0.47 9.87
C LYS A 147 -13.91 -1.12 9.44
N ARG A 148 -12.82 -0.40 9.64
CA ARG A 148 -11.51 -0.91 9.24
C ARG A 148 -11.05 -2.06 10.13
N ALA A 149 -10.40 -3.04 9.51
CA ALA A 149 -9.93 -4.20 10.23
C ALA A 149 -8.54 -3.98 10.82
N TYR A 150 -7.79 -3.03 10.25
CA TYR A 150 -6.41 -2.77 10.69
C TYR A 150 -5.60 -4.06 10.74
N THR A 151 -5.72 -4.83 9.67
CA THR A 151 -4.96 -6.05 9.48
C THR A 151 -3.88 -5.75 8.44
N THR A 152 -4.23 -5.90 7.18
CA THR A 152 -3.39 -5.46 6.09
C THR A 152 -4.15 -4.72 5.00
N ASP A 153 -3.74 -3.47 4.75
CA ASP A 153 -4.27 -2.64 3.68
C ASP A 153 -3.17 -2.50 2.62
N PHE A 154 -3.54 -2.15 1.39
CA PHE A 154 -2.50 -2.02 0.38
C PHE A 154 -2.81 -1.07 -0.77
N GLU A 155 -1.77 -0.37 -1.19
CA GLU A 155 -1.75 0.34 -2.45
C GLU A 155 -1.34 -0.70 -3.50
N TYR A 156 -2.02 -0.71 -4.64
CA TYR A 156 -1.60 -1.56 -5.76
C TYR A 156 -1.35 -0.64 -6.93
N TYR A 157 -0.10 -0.64 -7.39
CA TYR A 157 0.30 0.29 -8.44
C TYR A 157 0.00 -0.34 -9.79
N LYS A 158 -1.28 -0.29 -10.14
CA LYS A 158 -1.78 -1.05 -11.28
C LYS A 158 -1.09 -0.67 -12.58
N SER A 159 -0.87 0.63 -12.77
CA SER A 159 -0.16 1.10 -13.97
C SER A 159 0.61 2.35 -13.63
N ALA A 160 1.29 2.93 -14.63
CA ALA A 160 2.08 4.12 -14.39
C ALA A 160 1.24 5.26 -13.80
N ASN A 161 -0.07 5.25 -14.08
CA ASN A 161 -0.91 6.37 -13.66
C ASN A 161 -2.10 5.96 -12.81
N THR A 162 -2.33 4.67 -12.66
CA THR A 162 -3.49 4.21 -11.91
C THR A 162 -3.07 3.48 -10.66
N VAL A 163 -3.66 3.87 -9.53
CA VAL A 163 -3.40 3.19 -8.27
C VAL A 163 -4.73 2.79 -7.64
N GLU A 164 -4.75 1.62 -7.02
CA GLU A 164 -5.87 1.23 -6.19
C GLU A 164 -5.39 1.15 -4.76
N ILE A 165 -6.27 1.50 -3.84
CA ILE A 165 -6.03 1.29 -2.43
C ILE A 165 -7.15 0.40 -1.91
N SER A 166 -6.75 -0.73 -1.35
CA SER A 166 -7.69 -1.73 -0.84
C SER A 166 -7.57 -1.73 0.69
N ILE A 167 -8.68 -1.41 1.35
CA ILE A 167 -8.72 -1.33 2.79
C ILE A 167 -9.47 -2.53 3.35
N ALA A 168 -8.80 -3.28 4.23
CA ALA A 168 -9.46 -4.42 4.88
C ALA A 168 -10.56 -3.94 5.80
N VAL A 169 -11.75 -4.54 5.67
CA VAL A 169 -12.87 -4.16 6.53
C VAL A 169 -13.48 -5.36 7.26
N ARG A 170 -14.03 -5.09 8.45
CA ARG A 170 -14.65 -6.11 9.28
C ARG A 170 -16.03 -6.48 8.76
#